data_2O5H
#
_entry.id   2O5H
#
_cell.length_a   47.822
_cell.length_b   67.153
_cell.length_c   93.777
_cell.angle_alpha   90.00
_cell.angle_beta   90.00
_cell.angle_gamma   90.00
#
_symmetry.space_group_name_H-M   'P 21 21 21'
#
loop_
_entity.id
_entity.type
_entity.pdbx_description
1 polymer 'Hypothetical protein'
2 water water
#
_entity_poly.entity_id   1
_entity_poly.type   'polypeptide(L)'
_entity_poly.pdbx_seq_one_letter_code
;SNA(MSE)RKLNNHDVHKRYQDRLEEDVEFTINYELPLSCLWSTIKDFSSDFEEKTEAFFILFKELLRRGHLKLQRDGQI
IGHTPEEWEQIFREVWPEYEIEPNPLPGYAPFDIG(MSE)WLTVEAPAYAVWIDPEDGSEYWAG
;
_entity_poly.pdbx_strand_id   A,B
#
# COMPACT_ATOMS: atom_id res chain seq x y z
N SER A 1 -11.26 19.70 14.62
CA SER A 1 -12.26 20.80 14.45
C SER A 1 -11.60 22.20 14.48
N ASN A 2 -10.38 22.28 13.93
CA ASN A 2 -9.80 23.58 13.66
C ASN A 2 -10.51 24.13 12.41
N ALA A 3 -11.42 25.08 12.63
CA ALA A 3 -12.12 25.75 11.56
C ALA A 3 -11.12 26.50 10.68
N ARG A 5 -8.01 25.53 10.00
CA ARG A 5 -7.29 24.58 9.14
C ARG A 5 -8.18 24.27 7.95
N LYS A 6 -9.47 24.11 8.25
CA LYS A 6 -10.47 23.82 7.25
C LYS A 6 -10.57 24.96 6.21
N LEU A 7 -10.61 26.20 6.68
CA LEU A 7 -10.58 27.39 5.82
C LEU A 7 -9.38 27.32 4.87
N ASN A 8 -8.21 27.08 5.43
CA ASN A 8 -6.98 27.12 4.64
C ASN A 8 -6.82 26.00 3.62
N ASN A 9 -7.54 24.90 3.83
CA ASN A 9 -7.42 23.69 3.01
C ASN A 9 -8.65 23.41 2.13
N HIS A 10 -9.61 24.32 2.16
CA HIS A 10 -10.85 24.26 1.36
C HIS A 10 -10.59 23.95 -0.13
N ASP A 11 -9.59 24.63 -0.70
CA ASP A 11 -9.27 24.51 -2.11
C ASP A 11 -8.72 23.11 -2.45
N VAL A 12 -7.83 22.59 -1.62
CA VAL A 12 -7.26 21.25 -1.83
C VAL A 12 -8.37 20.21 -1.70
N HIS A 13 -9.23 20.44 -0.72
CA HIS A 13 -10.36 19.60 -0.45
C HIS A 13 -11.25 19.50 -1.68
N LYS A 14 -11.56 20.65 -2.30
CA LYS A 14 -12.33 20.69 -3.54
C LYS A 14 -11.65 20.00 -4.72
N ARG A 15 -10.36 20.25 -4.89
CA ARG A 15 -9.62 19.62 -5.98
C ARG A 15 -9.51 18.11 -5.81
N TYR A 16 -9.39 17.63 -4.57
CA TYR A 16 -9.26 16.17 -4.34
C TYR A 16 -10.57 15.42 -4.66
N GLN A 17 -11.70 16.12 -4.53
CA GLN A 17 -13.02 15.55 -4.79
C GLN A 17 -13.16 14.81 -6.12
N ASP A 18 -12.48 15.28 -7.15
N ASP A 18 -12.53 15.37 -7.14
CA ASP A 18 -12.59 14.70 -8.50
CA ASP A 18 -12.39 14.82 -8.49
C ASP A 18 -11.82 13.36 -8.71
C ASP A 18 -12.05 13.31 -8.50
N ARG A 19 -11.05 12.93 -7.71
CA ARG A 19 -10.44 11.57 -7.77
C ARG A 19 -10.84 10.71 -6.58
N LEU A 20 -11.69 11.24 -5.69
CA LEU A 20 -12.04 10.52 -4.46
C LEU A 20 -12.62 9.11 -4.74
N GLU A 21 -13.55 9.02 -5.67
CA GLU A 21 -14.29 7.76 -5.91
C GLU A 21 -13.37 6.69 -6.45
N GLU A 22 -12.53 7.10 -7.39
CA GLU A 22 -11.53 6.22 -7.97
C GLU A 22 -10.59 5.69 -6.86
N ASP A 23 -10.16 6.58 -5.96
CA ASP A 23 -9.26 6.18 -4.90
C ASP A 23 -9.97 5.26 -3.88
N VAL A 24 -11.24 5.58 -3.58
CA VAL A 24 -12.09 4.71 -2.79
C VAL A 24 -12.24 3.31 -3.42
N GLU A 25 -12.63 3.29 -4.70
N GLU A 25 -12.62 3.23 -4.69
CA GLU A 25 -12.73 2.06 -5.47
CA GLU A 25 -12.77 1.90 -5.26
C GLU A 25 -11.46 1.20 -5.34
C GLU A 25 -11.44 1.12 -5.39
N PHE A 26 -10.31 1.82 -5.61
CA PHE A 26 -9.01 1.16 -5.60
C PHE A 26 -8.69 0.54 -4.23
N THR A 27 -8.79 1.32 -3.16
CA THR A 27 -8.42 0.86 -1.81
C THR A 27 -9.41 -0.20 -1.25
N ILE A 28 -10.70 -0.06 -1.56
CA ILE A 28 -11.70 -1.11 -1.20
C ILE A 28 -11.36 -2.42 -1.92
N ASN A 29 -11.04 -2.31 -3.21
CA ASN A 29 -10.77 -3.53 -3.98
C ASN A 29 -9.65 -4.39 -3.42
N TYR A 30 -8.59 -3.78 -2.95
CA TYR A 30 -7.41 -4.52 -2.51
C TYR A 30 -7.22 -4.58 -1.00
N GLU A 31 -8.14 -3.93 -0.28
CA GLU A 31 -8.14 -3.90 1.20
C GLU A 31 -6.76 -3.53 1.72
N LEU A 32 -6.31 -2.36 1.27
CA LEU A 32 -4.96 -1.85 1.48
C LEU A 32 -4.77 -1.27 2.91
N PRO A 33 -3.59 -1.53 3.54
CA PRO A 33 -3.22 -0.94 4.86
C PRO A 33 -3.09 0.57 4.74
N LEU A 34 -3.14 1.30 5.86
CA LEU A 34 -3.08 2.76 5.79
C LEU A 34 -1.86 3.25 5.10
N SER A 35 -0.73 2.56 5.24
N SER A 35 -0.72 2.57 5.25
CA SER A 35 0.49 2.97 4.55
CA SER A 35 0.47 3.05 4.53
C SER A 35 0.34 3.00 3.02
C SER A 35 0.23 3.12 3.02
N CYS A 36 -0.58 2.19 2.51
CA CYS A 36 -0.86 2.16 1.07
C CYS A 36 -1.95 3.15 0.69
N LEU A 37 -2.76 3.58 1.64
CA LEU A 37 -3.64 4.71 1.38
C LEU A 37 -2.82 5.96 1.11
N TRP A 38 -1.75 6.15 1.87
CA TRP A 38 -0.79 7.23 1.64
C TRP A 38 -0.19 7.12 0.23
N SER A 39 0.30 5.93 -0.12
CA SER A 39 0.84 5.70 -1.47
C SER A 39 -0.19 6.01 -2.59
N THR A 40 -1.46 5.68 -2.35
CA THR A 40 -2.55 5.94 -3.28
C THR A 40 -2.72 7.43 -3.61
N ILE A 41 -2.49 8.30 -2.61
CA ILE A 41 -2.67 9.75 -2.82
C ILE A 41 -1.35 10.45 -3.22
N LYS A 42 -0.25 9.71 -3.21
CA LYS A 42 1.05 10.34 -3.46
C LYS A 42 1.13 11.13 -4.77
N ASP A 43 0.50 10.61 -5.81
CA ASP A 43 0.58 11.22 -7.13
C ASP A 43 -0.26 12.49 -7.22
N PHE A 44 -1.09 12.76 -6.21
CA PHE A 44 -2.00 13.92 -6.23
C PHE A 44 -1.24 15.24 -6.13
N SER A 45 -0.12 15.25 -5.39
CA SER A 45 0.62 16.48 -5.18
C SER A 45 2.04 16.20 -4.77
N SER A 46 2.95 17.12 -5.08
CA SER A 46 4.35 16.98 -4.58
C SER A 46 4.45 17.60 -3.18
N ASP A 47 3.41 18.33 -2.77
CA ASP A 47 3.39 19.03 -1.50
C ASP A 47 2.92 18.18 -0.33
N PHE A 48 3.69 18.18 0.76
CA PHE A 48 3.37 17.38 1.95
C PHE A 48 2.01 17.72 2.61
N GLU A 49 1.72 19.01 2.86
CA GLU A 49 0.42 19.40 3.40
C GLU A 49 -0.71 18.95 2.49
N GLU A 50 -0.59 19.21 1.17
CA GLU A 50 -1.68 18.82 0.26
C GLU A 50 -1.91 17.30 0.25
N LYS A 51 -0.84 16.51 0.26
CA LYS A 51 -0.95 15.05 0.33
C LYS A 51 -1.63 14.62 1.63
N THR A 52 -1.21 15.21 2.74
CA THR A 52 -1.79 14.94 4.07
C THR A 52 -3.32 15.24 4.07
N GLU A 53 -3.71 16.35 3.47
CA GLU A 53 -5.15 16.68 3.35
C GLU A 53 -5.92 15.65 2.50
N ALA A 54 -5.33 15.22 1.40
CA ALA A 54 -5.88 14.17 0.55
C ALA A 54 -6.01 12.86 1.31
N PHE A 55 -4.94 12.49 2.01
CA PHE A 55 -5.00 11.31 2.82
C PHE A 55 -6.20 11.32 3.78
N PHE A 56 -6.40 12.41 4.52
CA PHE A 56 -7.48 12.46 5.50
C PHE A 56 -8.86 12.49 4.87
N ILE A 57 -9.00 13.04 3.66
CA ILE A 57 -10.32 13.00 3.01
C ILE A 57 -10.65 11.54 2.64
N LEU A 58 -9.66 10.82 2.15
CA LEU A 58 -9.88 9.46 1.70
C LEU A 58 -10.17 8.58 2.92
N PHE A 59 -9.28 8.69 3.90
CA PHE A 59 -9.38 8.02 5.21
C PHE A 59 -10.78 8.21 5.80
N LYS A 60 -11.22 9.47 5.93
CA LYS A 60 -12.52 9.73 6.50
C LYS A 60 -13.66 9.18 5.64
N GLU A 61 -13.54 9.23 4.33
CA GLU A 61 -14.66 8.71 3.52
C GLU A 61 -14.81 7.18 3.63
N LEU A 62 -13.68 6.49 3.72
CA LEU A 62 -13.73 5.05 3.90
C LEU A 62 -14.31 4.70 5.26
N LEU A 63 -13.92 5.44 6.31
CA LEU A 63 -14.48 5.22 7.65
C LEU A 63 -15.98 5.50 7.64
N ARG A 64 -16.36 6.63 7.03
N ARG A 64 -16.38 6.63 7.05
CA ARG A 64 -17.76 7.09 6.99
CA ARG A 64 -17.79 7.05 7.04
C ARG A 64 -18.70 6.11 6.27
C ARG A 64 -18.71 6.09 6.29
N ARG A 65 -18.19 5.50 5.21
CA ARG A 65 -18.96 4.56 4.43
C ARG A 65 -18.94 3.15 5.05
N GLY A 66 -18.21 2.99 6.15
CA GLY A 66 -18.15 1.72 6.86
C GLY A 66 -17.28 0.64 6.21
N HIS A 67 -16.43 1.02 5.26
CA HIS A 67 -15.57 0.02 4.59
C HIS A 67 -14.38 -0.30 5.47
N LEU A 68 -13.95 0.72 6.20
CA LEU A 68 -12.75 0.67 6.98
C LEU A 68 -13.11 0.83 8.45
N LYS A 69 -12.43 0.06 9.30
CA LYS A 69 -12.49 0.24 10.75
C LYS A 69 -11.05 0.19 11.26
N LEU A 70 -10.78 0.73 12.45
CA LEU A 70 -9.41 0.81 12.92
C LEU A 70 -9.24 0.08 14.25
N GLN A 71 -8.11 -0.58 14.38
CA GLN A 71 -7.85 -1.53 15.41
C GLN A 71 -6.53 -1.17 16.11
N ARG A 72 -6.44 -1.44 17.40
CA ARG A 72 -5.16 -1.44 18.10
C ARG A 72 -5.10 -2.63 19.07
N ASP A 73 -3.94 -3.28 19.15
CA ASP A 73 -3.73 -4.48 20.00
C ASP A 73 -4.71 -5.62 19.69
N GLY A 74 -5.13 -5.73 18.43
CA GLY A 74 -5.98 -6.81 17.97
C GLY A 74 -7.45 -6.61 18.26
N GLN A 75 -7.84 -5.36 18.56
CA GLN A 75 -9.24 -5.02 18.81
C GLN A 75 -9.65 -3.73 18.16
N ILE A 76 -10.79 -3.73 17.48
CA ILE A 76 -11.35 -2.51 16.91
C ILE A 76 -11.78 -1.51 18.02
N ILE A 77 -11.45 -0.23 17.82
CA ILE A 77 -11.90 0.86 18.68
C ILE A 77 -12.93 1.64 17.87
N GLY A 78 -14.08 1.95 18.48
CA GLY A 78 -15.05 2.78 17.79
C GLY A 78 -14.76 4.27 17.94
N HIS A 79 -14.59 4.97 16.82
CA HIS A 79 -14.60 6.43 16.80
C HIS A 79 -15.35 6.88 15.57
N THR A 80 -15.81 8.12 15.60
CA THR A 80 -16.32 8.75 14.39
C THR A 80 -15.15 9.07 13.45
N PRO A 81 -15.46 9.31 12.16
CA PRO A 81 -14.38 9.65 11.24
C PRO A 81 -13.63 10.89 11.67
N GLU A 82 -14.37 11.87 12.17
CA GLU A 82 -13.79 13.12 12.68
C GLU A 82 -12.87 12.87 13.89
N GLU A 83 -13.33 12.06 14.84
CA GLU A 83 -12.52 11.70 16.00
C GLU A 83 -11.22 11.02 15.61
N TRP A 84 -11.29 10.12 14.63
CA TRP A 84 -10.11 9.40 14.20
C TRP A 84 -9.15 10.35 13.46
N GLU A 85 -9.70 11.25 12.65
CA GLU A 85 -8.83 12.26 12.04
C GLU A 85 -8.02 13.01 13.11
N GLN A 86 -8.67 13.41 14.22
CA GLN A 86 -8.02 14.26 15.23
C GLN A 86 -6.92 13.48 15.94
N ILE A 87 -7.20 12.21 16.19
CA ILE A 87 -6.26 11.31 16.86
C ILE A 87 -4.97 11.20 16.01
N PHE A 88 -5.16 10.96 14.72
CA PHE A 88 -4.04 10.90 13.78
C PHE A 88 -3.32 12.24 13.55
N ARG A 89 -4.07 13.32 13.32
CA ARG A 89 -3.47 14.66 13.19
C ARG A 89 -2.59 15.05 14.38
N GLU A 90 -3.01 14.68 15.59
CA GLU A 90 -2.28 15.08 16.77
C GLU A 90 -0.86 14.55 16.81
N VAL A 91 -0.59 13.45 16.10
CA VAL A 91 0.71 12.77 16.16
C VAL A 91 1.33 12.67 14.75
N TRP A 92 0.69 13.30 13.77
CA TRP A 92 1.12 13.23 12.39
C TRP A 92 2.54 13.79 12.28
N PRO A 93 3.45 13.06 11.57
CA PRO A 93 4.81 13.60 11.38
C PRO A 93 4.85 15.00 10.79
N GLU A 94 5.90 15.74 11.16
CA GLU A 94 6.14 17.08 10.67
C GLU A 94 6.65 17.14 9.24
N TYR A 95 7.24 16.05 8.74
CA TYR A 95 7.87 16.03 7.41
C TYR A 95 7.54 14.68 6.85
N GLU A 96 7.49 14.59 5.52
CA GLU A 96 7.15 13.34 4.84
C GLU A 96 8.28 12.36 5.10
N ILE A 97 9.50 12.89 5.19
CA ILE A 97 10.67 12.07 5.50
C ILE A 97 11.42 12.62 6.71
N GLU A 98 11.62 11.80 7.74
CA GLU A 98 12.31 12.31 8.93
C GLU A 98 13.66 12.96 8.57
N PRO A 99 13.91 14.21 9.05
CA PRO A 99 15.19 14.87 8.74
C PRO A 99 16.40 14.12 9.25
N ASN A 100 17.55 14.32 8.60
CA ASN A 100 18.85 13.75 9.06
C ASN A 100 20.09 14.63 8.84
N PRO A 107 16.12 6.71 7.25
CA PRO A 107 15.33 7.07 6.08
C PRO A 107 13.84 6.96 6.39
N PHE A 108 13.44 7.38 7.59
CA PHE A 108 12.09 7.13 8.09
C PHE A 108 11.12 8.05 7.37
N ASP A 109 10.02 7.49 6.91
CA ASP A 109 9.05 8.25 6.16
C ASP A 109 7.62 8.00 6.61
N ILE A 110 6.66 8.73 6.05
N ILE A 110 6.65 8.75 6.05
CA ILE A 110 5.27 8.62 6.47
CA ILE A 110 5.22 8.63 6.42
C ILE A 110 4.68 7.21 6.23
C ILE A 110 4.72 7.19 6.26
N GLY A 111 5.06 6.58 5.13
CA GLY A 111 4.71 5.17 4.89
C GLY A 111 5.12 4.26 6.05
N TRP A 113 5.93 5.14 9.18
CA TRP A 113 5.15 5.56 10.36
C TRP A 113 3.75 4.91 10.40
N LEU A 114 3.10 4.92 9.25
CA LEU A 114 1.77 4.30 9.10
C LEU A 114 1.83 2.77 9.23
N THR A 115 3.02 2.20 9.07
CA THR A 115 3.23 0.75 9.28
C THR A 115 3.51 0.38 10.71
N VAL A 116 4.30 1.17 11.44
CA VAL A 116 4.76 0.70 12.73
C VAL A 116 4.46 1.63 13.90
N GLU A 117 3.99 2.85 13.66
CA GLU A 117 3.73 3.71 14.82
C GLU A 117 2.40 4.45 14.74
N ALA A 118 1.52 4.06 13.81
CA ALA A 118 0.17 4.64 13.72
C ALA A 118 -0.64 4.43 15.00
N PRO A 119 -1.53 5.38 15.35
CA PRO A 119 -2.49 5.16 16.47
C PRO A 119 -3.31 3.87 16.39
N ALA A 120 -3.64 3.49 15.15
CA ALA A 120 -4.42 2.30 14.87
C ALA A 120 -4.22 1.83 13.43
N TYR A 121 -4.79 0.67 13.11
CA TYR A 121 -4.47 -0.08 11.87
C TYR A 121 -5.72 -0.57 11.18
N ALA A 122 -5.62 -0.70 9.86
CA ALA A 122 -6.79 -0.96 9.03
C ALA A 122 -7.40 -2.36 9.15
N VAL A 123 -8.71 -2.36 9.34
CA VAL A 123 -9.57 -3.56 9.19
C VAL A 123 -10.60 -3.26 8.12
N TRP A 124 -10.71 -4.13 7.12
CA TRP A 124 -11.62 -3.90 6.00
C TRP A 124 -12.85 -4.78 6.16
N ILE A 125 -14.02 -4.16 6.01
CA ILE A 125 -15.30 -4.81 6.20
C ILE A 125 -15.90 -5.11 4.83
N ASP A 126 -16.14 -6.39 4.56
CA ASP A 126 -16.61 -6.85 3.26
C ASP A 126 -18.00 -6.26 2.99
N PRO A 127 -18.20 -5.65 1.80
CA PRO A 127 -19.49 -5.02 1.50
C PRO A 127 -20.62 -6.05 1.39
N GLU A 128 -20.33 -7.24 0.88
N GLU A 128 -20.29 -7.25 0.93
CA GLU A 128 -21.37 -8.29 0.67
CA GLU A 128 -21.26 -8.31 0.60
C GLU A 128 -22.14 -8.63 1.95
C GLU A 128 -21.70 -9.18 1.79
N ASP A 129 -21.47 -9.26 2.90
N ASP A 129 -20.76 -9.55 2.66
CA ASP A 129 -22.14 -9.73 4.12
CA ASP A 129 -21.11 -10.41 3.81
C ASP A 129 -21.42 -9.31 5.40
C ASP A 129 -20.51 -9.97 5.16
N GLY A 130 -20.24 -8.67 5.27
CA GLY A 130 -19.61 -8.02 6.44
C GLY A 130 -18.54 -8.69 7.30
N SER A 131 -17.87 -9.72 6.78
CA SER A 131 -16.70 -10.27 7.46
C SER A 131 -15.51 -9.28 7.35
N GLU A 132 -14.57 -9.42 8.29
CA GLU A 132 -13.45 -8.53 8.42
C GLU A 132 -12.12 -9.12 7.95
N TYR A 133 -11.32 -8.26 7.30
CA TYR A 133 -9.97 -8.58 6.89
C TYR A 133 -8.95 -7.75 7.70
N TRP A 134 -8.06 -8.43 8.40
CA TRP A 134 -7.20 -7.76 9.40
C TRP A 134 -5.74 -7.54 8.95
N LEU B 7 5.28 -30.04 -14.07
CA LEU B 7 4.14 -29.06 -13.87
C LEU B 7 4.52 -27.83 -13.06
N ASN B 8 5.45 -28.03 -12.13
N ASN B 8 5.50 -28.00 -12.18
CA ASN B 8 6.06 -26.95 -11.34
CA ASN B 8 6.03 -26.93 -11.31
C ASN B 8 5.09 -25.87 -10.86
C ASN B 8 4.99 -25.87 -10.94
N ASN B 9 5.24 -24.63 -11.35
CA ASN B 9 4.35 -23.50 -11.02
C ASN B 9 3.47 -23.01 -12.17
N HIS B 10 3.34 -23.81 -13.24
CA HIS B 10 2.59 -23.37 -14.42
C HIS B 10 1.13 -23.04 -14.12
N ASP B 11 0.50 -23.84 -13.28
N ASP B 11 0.47 -23.83 -13.30
CA ASP B 11 -0.89 -23.65 -12.90
CA ASP B 11 -0.95 -23.60 -13.02
C ASP B 11 -1.05 -22.29 -12.21
C ASP B 11 -1.15 -22.35 -12.10
N VAL B 12 -0.15 -22.02 -11.29
CA VAL B 12 -0.17 -20.78 -10.51
C VAL B 12 -0.07 -19.56 -11.44
N HIS B 13 0.88 -19.62 -12.39
CA HIS B 13 1.02 -18.62 -13.44
C HIS B 13 -0.25 -18.44 -14.24
N LYS B 14 -0.84 -19.57 -14.70
CA LYS B 14 -2.13 -19.49 -15.43
C LYS B 14 -3.19 -18.73 -14.59
N ARG B 15 -3.33 -19.13 -13.32
N ARG B 15 -3.37 -19.15 -13.33
CA ARG B 15 -4.34 -18.55 -12.41
CA ARG B 15 -4.35 -18.52 -12.45
C ARG B 15 -4.10 -17.05 -12.18
C ARG B 15 -4.08 -17.02 -12.33
N TYR B 16 -2.83 -16.66 -12.01
CA TYR B 16 -2.49 -15.23 -11.90
C TYR B 16 -2.73 -14.42 -13.20
N GLN B 17 -2.44 -15.01 -14.37
CA GLN B 17 -2.59 -14.33 -15.66
C GLN B 17 -4.04 -13.98 -15.91
N ASP B 18 -4.96 -14.76 -15.37
CA ASP B 18 -6.38 -14.42 -15.41
C ASP B 18 -6.72 -13.06 -14.75
N ARG B 19 -5.88 -12.56 -13.84
CA ARG B 19 -6.20 -11.30 -13.14
C ARG B 19 -5.14 -10.22 -13.37
N LEU B 20 -4.07 -10.57 -14.09
CA LEU B 20 -2.97 -9.63 -14.33
C LEU B 20 -3.48 -8.32 -14.92
N GLU B 21 -4.29 -8.38 -15.98
CA GLU B 21 -4.68 -7.15 -16.67
C GLU B 21 -5.48 -6.22 -15.78
N GLU B 22 -6.36 -6.82 -14.99
CA GLU B 22 -7.13 -6.11 -14.00
C GLU B 22 -6.21 -5.43 -12.99
N ASP B 23 -5.27 -6.19 -12.41
CA ASP B 23 -4.36 -5.59 -11.41
C ASP B 23 -3.52 -4.45 -12.04
N VAL B 24 -3.08 -4.64 -13.29
CA VAL B 24 -2.23 -3.65 -13.93
C VAL B 24 -3.02 -2.36 -14.17
N GLU B 25 -4.25 -2.50 -14.66
N GLU B 25 -4.22 -2.53 -14.74
CA GLU B 25 -5.07 -1.33 -14.98
CA GLU B 25 -5.19 -1.46 -14.97
C GLU B 25 -5.54 -0.54 -13.74
C GLU B 25 -5.33 -0.60 -13.70
N PHE B 26 -5.74 -1.22 -12.61
CA PHE B 26 -5.84 -0.53 -11.32
C PHE B 26 -4.52 0.17 -10.90
N THR B 27 -3.40 -0.57 -10.90
CA THR B 27 -2.17 -0.08 -10.22
C THR B 27 -1.33 0.87 -11.08
N ILE B 28 -1.43 0.74 -12.40
CA ILE B 28 -0.57 1.51 -13.31
C ILE B 28 -0.81 3.00 -13.14
N ASN B 29 -1.94 3.30 -12.52
CA ASN B 29 -2.52 4.59 -12.23
C ASN B 29 -1.92 5.35 -11.01
N TYR B 30 -1.17 4.62 -10.19
CA TYR B 30 -0.73 5.09 -8.90
C TYR B 30 0.77 5.03 -8.79
N GLU B 31 1.31 5.65 -7.75
CA GLU B 31 2.74 5.56 -7.54
C GLU B 31 3.04 4.64 -6.37
N LEU B 32 2.88 3.34 -6.57
CA LEU B 32 2.93 2.43 -5.43
C LEU B 32 4.30 1.86 -5.21
N PRO B 33 4.76 1.84 -3.94
CA PRO B 33 6.01 1.14 -3.66
C PRO B 33 5.82 -0.35 -3.76
N LEU B 34 6.92 -1.10 -3.83
CA LEU B 34 6.77 -2.53 -3.98
C LEU B 34 6.00 -3.16 -2.82
N SER B 35 6.14 -2.65 -1.59
CA SER B 35 5.39 -3.23 -0.45
C SER B 35 3.89 -3.18 -0.76
N CYS B 36 3.43 -2.08 -1.36
CA CYS B 36 2.04 -1.96 -1.77
C CYS B 36 1.57 -2.86 -2.94
N LEU B 37 2.44 -3.10 -3.93
CA LEU B 37 2.20 -4.15 -4.89
C LEU B 37 2.05 -5.49 -4.23
N TRP B 38 2.93 -5.80 -3.27
CA TRP B 38 2.75 -7.04 -2.50
C TRP B 38 1.35 -7.07 -1.88
N SER B 39 0.92 -5.95 -1.30
CA SER B 39 -0.39 -5.94 -0.65
C SER B 39 -1.50 -6.18 -1.66
N THR B 40 -1.34 -5.73 -2.89
CA THR B 40 -2.41 -5.87 -3.88
C THR B 40 -2.61 -7.34 -4.33
N ILE B 41 -1.56 -8.16 -4.29
CA ILE B 41 -1.68 -9.61 -4.64
C ILE B 41 -1.92 -10.56 -3.44
N LYS B 42 -2.02 -10.03 -2.24
CA LYS B 42 -2.14 -10.90 -1.06
C LYS B 42 -3.39 -11.78 -1.04
N ASP B 43 -4.47 -11.32 -1.66
CA ASP B 43 -5.71 -12.09 -1.80
C ASP B 43 -5.63 -13.18 -2.85
N PHE B 44 -4.58 -13.18 -3.66
CA PHE B 44 -4.39 -14.27 -4.62
C PHE B 44 -4.32 -15.66 -3.98
N SER B 45 -3.68 -15.76 -2.82
CA SER B 45 -3.39 -17.10 -2.24
C SER B 45 -2.93 -16.94 -0.83
N SER B 46 -3.11 -17.99 -0.02
CA SER B 46 -2.63 -17.98 1.34
C SER B 46 -1.20 -18.53 1.38
N ASP B 47 -0.79 -19.19 0.30
CA ASP B 47 0.54 -19.79 0.22
C ASP B 47 1.56 -18.72 -0.18
N PHE B 48 2.64 -18.61 0.61
CA PHE B 48 3.72 -17.64 0.36
C PHE B 48 4.40 -17.75 -1.03
N GLU B 49 4.71 -18.97 -1.48
CA GLU B 49 5.34 -19.19 -2.80
C GLU B 49 4.43 -18.79 -3.97
N GLU B 50 3.14 -19.08 -3.85
CA GLU B 50 2.16 -18.63 -4.85
C GLU B 50 2.01 -17.10 -4.89
N LYS B 51 1.94 -16.48 -3.71
CA LYS B 51 1.94 -15.03 -3.66
C LYS B 51 3.20 -14.45 -4.30
N THR B 52 4.36 -15.04 -4.00
CA THR B 52 5.66 -14.63 -4.54
C THR B 52 5.61 -14.64 -6.09
N GLU B 53 5.12 -15.76 -6.65
CA GLU B 53 4.94 -15.88 -8.10
C GLU B 53 4.02 -14.80 -8.67
N ALA B 54 2.86 -14.58 -8.05
CA ALA B 54 1.98 -13.44 -8.48
C ALA B 54 2.67 -12.08 -8.40
N PHE B 55 3.40 -11.84 -7.31
CA PHE B 55 4.14 -10.58 -7.17
C PHE B 55 5.06 -10.32 -8.38
N PHE B 56 5.86 -11.32 -8.71
CA PHE B 56 6.84 -11.16 -9.79
C PHE B 56 6.22 -10.97 -11.18
N ILE B 57 5.11 -11.66 -11.40
CA ILE B 57 4.38 -11.51 -12.65
C ILE B 57 3.93 -10.03 -12.79
N LEU B 58 3.21 -9.53 -11.81
CA LEU B 58 2.78 -8.11 -11.77
C LEU B 58 3.95 -7.11 -11.82
N PHE B 59 5.00 -7.36 -11.02
CA PHE B 59 6.22 -6.52 -10.95
C PHE B 59 6.90 -6.38 -12.35
N LYS B 60 7.19 -7.52 -12.99
CA LYS B 60 7.76 -7.52 -14.34
C LYS B 60 6.88 -6.79 -15.34
N GLU B 61 5.57 -6.99 -15.27
CA GLU B 61 4.68 -6.34 -16.24
C GLU B 61 4.64 -4.81 -16.07
N LEU B 62 4.61 -4.36 -14.81
CA LEU B 62 4.68 -2.94 -14.50
C LEU B 62 6.02 -2.35 -14.94
N LEU B 63 7.10 -3.11 -14.77
CA LEU B 63 8.40 -2.64 -15.28
C LEU B 63 8.36 -2.51 -16.80
N ARG B 64 7.75 -3.50 -17.44
CA ARG B 64 7.60 -3.50 -18.91
C ARG B 64 6.87 -2.29 -19.47
N ARG B 65 5.78 -1.88 -18.83
N ARG B 65 5.79 -1.87 -18.80
CA ARG B 65 5.00 -0.73 -19.33
CA ARG B 65 4.96 -0.74 -19.23
C ARG B 65 5.81 0.57 -19.22
C ARG B 65 5.59 0.63 -18.92
N GLY B 66 6.76 0.61 -18.28
CA GLY B 66 7.62 1.78 -18.16
C GLY B 66 7.42 2.90 -17.15
N HIS B 67 6.36 2.90 -16.35
N HIS B 67 6.35 2.83 -16.34
CA HIS B 67 6.30 3.95 -15.36
CA HIS B 67 6.08 3.85 -15.31
C HIS B 67 7.12 3.58 -14.11
C HIS B 67 6.84 3.56 -14.00
N LEU B 68 7.15 2.28 -13.79
CA LEU B 68 7.90 1.78 -12.65
C LEU B 68 9.40 1.77 -12.91
N LYS B 69 10.13 2.61 -12.19
CA LYS B 69 11.59 2.64 -12.25
C LYS B 69 12.12 2.32 -10.86
N LEU B 70 13.35 1.85 -10.74
CA LEU B 70 13.88 1.45 -9.43
C LEU B 70 15.20 2.14 -9.12
N GLN B 71 15.40 2.49 -7.84
CA GLN B 71 16.62 3.16 -7.44
C GLN B 71 17.24 2.52 -6.19
N ARG B 72 18.51 2.80 -5.99
CA ARG B 72 19.16 2.62 -4.69
C ARG B 72 20.09 3.80 -4.38
N ASP B 73 20.08 4.23 -3.12
CA ASP B 73 20.93 5.35 -2.67
C ASP B 73 20.69 6.62 -3.50
N GLY B 74 19.45 6.81 -3.95
CA GLY B 74 19.08 7.97 -4.77
C GLY B 74 19.41 7.93 -6.26
N GLN B 75 20.08 6.89 -6.70
CA GLN B 75 20.42 6.77 -8.11
C GLN B 75 19.60 5.66 -8.80
N ILE B 76 19.01 6.00 -9.94
CA ILE B 76 18.25 5.02 -10.69
C ILE B 76 19.19 3.95 -11.23
N ILE B 77 18.73 2.71 -11.17
CA ILE B 77 19.45 1.57 -11.66
C ILE B 77 18.66 0.96 -12.78
N GLY B 78 19.33 0.68 -13.90
CA GLY B 78 18.68 0.07 -15.03
C GLY B 78 18.86 -1.44 -15.05
N HIS B 79 17.76 -2.16 -15.25
CA HIS B 79 17.78 -3.62 -15.47
C HIS B 79 16.56 -4.01 -16.28
N THR B 80 16.67 -5.12 -17.00
CA THR B 80 15.52 -5.70 -17.71
C THR B 80 14.57 -6.30 -16.63
N PRO B 81 13.30 -6.48 -16.97
CA PRO B 81 12.37 -7.06 -16.00
C PRO B 81 12.85 -8.40 -15.47
N GLU B 82 13.39 -9.22 -16.38
CA GLU B 82 13.97 -10.50 -16.04
C GLU B 82 15.14 -10.41 -15.03
N GLU B 83 16.02 -9.42 -15.24
CA GLU B 83 17.14 -9.21 -14.32
C GLU B 83 16.62 -8.76 -12.96
N TRP B 84 15.69 -7.81 -12.97
CA TRP B 84 15.14 -7.34 -11.71
C TRP B 84 14.55 -8.51 -10.90
N GLU B 85 13.82 -9.40 -11.57
CA GLU B 85 13.26 -10.58 -10.92
C GLU B 85 14.39 -11.47 -10.34
N GLN B 86 15.44 -11.72 -11.12
N GLN B 86 15.44 -11.73 -11.11
CA GLN B 86 16.59 -12.51 -10.64
CA GLN B 86 16.57 -12.51 -10.59
C GLN B 86 17.28 -11.87 -9.41
C GLN B 86 17.15 -11.83 -9.34
N ILE B 87 17.44 -10.54 -9.45
CA ILE B 87 18.05 -9.77 -8.33
C ILE B 87 17.22 -9.85 -7.03
N PHE B 88 15.89 -9.66 -7.14
CA PHE B 88 15.00 -9.79 -5.99
C PHE B 88 14.83 -11.24 -5.47
N ARG B 89 14.75 -12.22 -6.38
CA ARG B 89 14.69 -13.62 -5.95
C ARG B 89 15.96 -14.07 -5.22
N GLU B 90 17.12 -13.57 -5.65
CA GLU B 90 18.42 -13.94 -5.06
C GLU B 90 18.44 -13.65 -3.55
N VAL B 91 17.72 -12.61 -3.13
CA VAL B 91 17.70 -12.21 -1.70
C VAL B 91 16.30 -12.30 -1.05
N TRP B 92 15.32 -12.85 -1.77
CA TRP B 92 13.91 -12.82 -1.29
C TRP B 92 13.90 -13.59 0.02
N PRO B 93 13.16 -13.09 1.04
CA PRO B 93 13.06 -13.84 2.31
C PRO B 93 12.66 -15.33 2.14
N GLU B 94 13.24 -16.22 2.95
CA GLU B 94 12.89 -17.62 2.86
C GLU B 94 11.42 -17.87 3.22
N TYR B 95 10.91 -17.05 4.13
CA TYR B 95 9.56 -17.18 4.63
C TYR B 95 8.89 -15.81 4.65
N GLU B 96 7.56 -15.80 4.63
CA GLU B 96 6.80 -14.58 4.71
C GLU B 96 7.09 -13.74 5.97
N ILE B 97 7.39 -14.41 7.09
CA ILE B 97 7.77 -13.71 8.32
C ILE B 97 9.11 -14.22 8.87
N GLU B 98 9.81 -13.35 9.58
CA GLU B 98 11.00 -13.74 10.31
C GLU B 98 10.65 -13.40 11.76
N PRO B 99 10.76 -14.38 12.67
CA PRO B 99 10.48 -14.14 14.09
C PRO B 99 11.47 -13.12 14.72
N ASN B 100 10.95 -12.32 15.66
CA ASN B 100 11.79 -11.49 16.54
C ASN B 100 12.67 -12.45 17.35
N PRO B 101 14.00 -12.17 17.48
CA PRO B 101 14.85 -12.97 18.37
C PRO B 101 14.43 -12.89 19.84
N LEU B 102 13.58 -11.92 20.15
CA LEU B 102 12.99 -11.93 21.48
C LEU B 102 11.58 -12.51 21.29
N PRO B 103 11.33 -13.71 21.83
CA PRO B 103 10.15 -14.53 21.57
C PRO B 103 8.83 -13.84 21.92
N GLY B 104 7.84 -13.98 21.02
CA GLY B 104 6.52 -13.45 21.32
C GLY B 104 6.33 -12.02 20.86
N TYR B 105 7.42 -11.34 20.51
CA TYR B 105 7.36 -10.00 19.96
C TYR B 105 6.97 -10.04 18.46
N ALA B 106 6.72 -8.87 17.88
CA ALA B 106 6.22 -8.78 16.52
C ALA B 106 7.29 -9.25 15.53
N PRO B 107 6.90 -10.14 14.62
CA PRO B 107 7.83 -10.60 13.57
C PRO B 107 8.16 -9.51 12.56
N PHE B 108 9.11 -9.81 11.69
CA PHE B 108 9.36 -8.95 10.57
C PHE B 108 8.60 -9.58 9.40
N ASP B 109 7.86 -8.76 8.66
CA ASP B 109 7.12 -9.31 7.52
C ASP B 109 7.69 -8.89 6.14
N ILE B 110 7.14 -9.47 5.08
CA ILE B 110 7.66 -9.19 3.72
C ILE B 110 7.39 -7.73 3.25
N GLY B 111 6.27 -7.14 3.68
CA GLY B 111 5.99 -5.70 3.54
C GLY B 111 7.14 -4.85 4.07
N TRP B 113 10.29 -5.90 4.77
CA TRP B 113 11.48 -6.25 3.98
C TRP B 113 11.54 -5.40 2.71
N LEU B 114 10.41 -5.31 2.01
CA LEU B 114 10.29 -4.51 0.77
C LEU B 114 10.42 -3.00 1.01
N THR B 115 10.16 -2.57 2.22
CA THR B 115 10.26 -1.17 2.62
C THR B 115 11.71 -0.80 3.05
N VAL B 116 12.47 -1.72 3.65
CA VAL B 116 13.80 -1.32 4.20
C VAL B 116 15.02 -2.23 3.91
N GLU B 117 14.78 -3.43 3.39
N GLU B 117 14.79 -3.42 3.36
CA GLU B 117 15.87 -4.35 3.11
CA GLU B 117 15.87 -4.37 3.10
C GLU B 117 15.81 -4.93 1.69
C GLU B 117 16.05 -4.73 1.63
N ALA B 118 15.21 -4.17 0.78
CA ALA B 118 15.11 -4.53 -0.64
C ALA B 118 16.32 -4.07 -1.45
N PRO B 119 16.66 -4.80 -2.52
CA PRO B 119 17.74 -4.40 -3.42
C PRO B 119 17.54 -3.03 -4.07
N ALA B 120 16.29 -2.63 -4.27
CA ALA B 120 15.98 -1.38 -4.92
C ALA B 120 14.56 -0.93 -4.52
N TYR B 121 14.22 0.34 -4.80
CA TYR B 121 12.96 0.94 -4.40
C TYR B 121 12.31 1.68 -5.56
N ALA B 122 10.98 1.59 -5.66
CA ALA B 122 10.23 2.33 -6.69
C ALA B 122 10.47 3.82 -6.62
N VAL B 123 10.68 4.44 -7.78
CA VAL B 123 10.82 5.89 -7.91
C VAL B 123 10.05 6.40 -9.13
N TRP B 124 9.66 7.67 -9.18
N TRP B 124 9.65 7.67 -8.96
CA TRP B 124 8.99 8.19 -10.41
CA TRP B 124 8.67 8.44 -9.72
C TRP B 124 9.66 9.39 -11.10
C TRP B 124 9.22 9.84 -9.90
#